data_2X32
#
_entry.id   2X32
#
_cell.length_a   63.378
_cell.length_b   64.360
_cell.length_c   84.732
_cell.angle_alpha   90.00
_cell.angle_beta   90.00
_cell.angle_gamma   90.00
#
_symmetry.space_group_name_H-M   'P 21 21 21'
#
loop_
_entity.id
_entity.type
_entity.pdbx_description
1 polymer 'CELLULOSE-BINDING PROTEIN'
2 non-polymer '(2E,6E,10E,14E,18E,22E,26E)-3,7,11,15,19,23,27,31-OCTAMETHYLDOTRIACONTA-2,6,10,14,18,22,26,30-OCTAENYL TRIHYDROGEN DIPHOSPHATE'
3 non-polymer IMIDAZOLE
4 water water
#
_entity_poly.entity_id   1
_entity_poly.type   'polypeptide(L)'
_entity_poly.pdbx_seq_one_letter_code
;HHHHHHLAYSLDATASFLNFVSSKKTHVLETHRFDVLSGGISTAGEAQLVIDLNSVNTGIDVRNGRMRDYLFETATYSVA
TVTVPVDLAAVAGLAVGEDMLVDVSATLDLHGVPGVIDTQLNVQRLSATRIMVQNQSPLLIKAADYSLEAGIETLRNLAS
LNVISTTVPVDFVLFYEAP
;
_entity_poly.pdbx_strand_id   A,B
#
loop_
_chem_comp.id
_chem_comp.type
_chem_comp.name
_chem_comp.formula
IMD non-polymer IMIDAZOLE 'C3 H5 N2 1'
OTP non-polymer '(2E,6E,10E,14E,18E,22E,26E)-3,7,11,15,19,23,27,31-OCTAMETHYLDOTRIACONTA-2,6,10,14,18,22,26,30-OCTAENYL TRIHYDROGEN DIPHOSPHATE' 'C40 H68 O7 P2'
#
# COMPACT_ATOMS: atom_id res chain seq x y z
N HIS A 6 -11.29 27.40 11.15
CA HIS A 6 -11.41 27.69 9.72
C HIS A 6 -10.57 26.65 8.96
N LEU A 7 -11.23 25.93 8.05
CA LEU A 7 -10.63 24.83 7.30
C LEU A 7 -10.48 25.19 5.86
N ALA A 8 -9.26 24.96 5.37
CA ALA A 8 -8.94 25.04 3.97
C ALA A 8 -9.32 23.76 3.26
N TYR A 9 -9.19 22.66 4.00
CA TYR A 9 -9.53 21.31 3.50
C TYR A 9 -10.16 20.47 4.58
N SER A 10 -11.03 19.54 4.17
CA SER A 10 -11.57 18.52 5.05
CA SER A 10 -11.59 18.53 5.04
C SER A 10 -11.19 17.14 4.55
N LEU A 11 -10.91 16.23 5.46
CA LEU A 11 -10.67 14.83 5.08
C LEU A 11 -11.95 14.16 4.52
N ASP A 12 -11.82 13.54 3.35
CA ASP A 12 -12.84 12.64 2.83
C ASP A 12 -12.61 11.30 3.52
N ALA A 13 -13.38 11.09 4.58
CA ALA A 13 -13.11 9.95 5.46
C ALA A 13 -13.44 8.65 4.79
N THR A 14 -14.44 8.66 3.94
CA THR A 14 -14.81 7.39 3.26
CA THR A 14 -14.82 7.38 3.30
C THR A 14 -13.74 6.92 2.27
N ALA A 15 -13.18 7.86 1.50
CA ALA A 15 -12.21 7.50 0.45
C ALA A 15 -10.80 7.22 0.96
N SER A 16 -10.57 7.69 2.16
CA SER A 16 -9.23 7.64 2.75
C SER A 16 -8.98 6.33 3.48
N PHE A 17 -7.74 5.90 3.58
CA PHE A 17 -7.42 4.71 4.31
CA PHE A 17 -7.40 4.70 4.31
C PHE A 17 -6.04 4.77 4.95
N LEU A 18 -5.86 4.00 6.01
CA LEU A 18 -4.57 3.85 6.68
C LEU A 18 -4.46 2.44 7.18
N ASN A 19 -3.39 1.77 6.80
CA ASN A 19 -3.13 0.34 7.02
CA ASN A 19 -3.21 0.42 7.23
C ASN A 19 -1.82 0.18 7.80
N PHE A 20 -1.66 -0.94 8.48
CA PHE A 20 -0.41 -1.29 9.14
C PHE A 20 -0.23 -2.77 9.07
N VAL A 21 1.01 -3.20 9.08
CA VAL A 21 1.33 -4.59 8.85
C VAL A 21 2.04 -5.19 10.07
N SER A 22 1.51 -6.30 10.59
CA SER A 22 2.20 -7.03 11.64
C SER A 22 2.96 -8.19 11.05
N SER A 23 4.02 -8.61 11.73
CA SER A 23 4.70 -9.86 11.38
C SER A 23 4.81 -10.74 12.60
N LYS A 24 4.43 -12.00 12.46
CA LYS A 24 4.52 -12.97 13.55
C LYS A 24 5.26 -14.19 13.07
N LYS A 25 5.80 -14.96 14.01
CA LYS A 25 6.50 -16.21 13.66
C LYS A 25 7.61 -15.90 12.64
N THR A 26 7.77 -16.73 11.61
CA THR A 26 8.77 -16.49 10.56
C THR A 26 8.15 -15.67 9.44
N HIS A 27 8.23 -14.35 9.61
CA HIS A 27 7.78 -13.40 8.60
C HIS A 27 6.35 -13.74 8.10
N VAL A 28 5.42 -13.96 9.03
CA VAL A 28 4.01 -14.13 8.64
C VAL A 28 3.35 -12.74 8.73
N LEU A 29 3.08 -12.17 7.56
CA LEU A 29 2.59 -10.77 7.42
C LEU A 29 1.09 -10.68 7.31
N GLU A 30 0.51 -9.73 8.02
CA GLU A 30 -0.90 -9.46 7.93
C GLU A 30 -1.12 -7.94 7.94
N THR A 31 -1.95 -7.49 7.02
CA THR A 31 -2.30 -6.11 6.90
C THR A 31 -3.60 -5.83 7.61
N HIS A 32 -3.56 -4.88 8.54
CA HIS A 32 -4.67 -4.42 9.34
C HIS A 32 -5.02 -3.01 8.95
N ARG A 33 -6.21 -2.57 9.29
CA ARG A 33 -6.61 -1.22 8.91
CA ARG A 33 -6.84 -1.34 8.82
C ARG A 33 -7.40 -0.59 10.01
N PHE A 34 -7.44 0.74 9.97
CA PHE A 34 -8.36 1.55 10.78
C PHE A 34 -9.51 2.02 9.92
N ASP A 35 -10.72 1.60 10.27
CA ASP A 35 -11.89 1.88 9.43
C ASP A 35 -12.39 3.31 9.55
N VAL A 36 -12.00 4.03 10.62
CA VAL A 36 -12.49 5.37 10.85
C VAL A 36 -11.32 6.35 11.02
N LEU A 37 -11.25 7.32 10.08
CA LEU A 37 -10.29 8.41 10.05
C LEU A 37 -11.07 9.72 9.97
N SER A 38 -10.51 10.76 10.56
CA SER A 38 -11.02 12.13 10.39
C SER A 38 -9.87 13.10 10.26
N GLY A 39 -10.18 14.30 9.87
CA GLY A 39 -9.18 15.33 9.78
C GLY A 39 -9.49 16.46 8.86
N GLY A 40 -8.50 17.31 8.71
CA GLY A 40 -8.65 18.53 7.92
C GLY A 40 -7.37 19.30 7.93
N ILE A 41 -7.36 20.40 7.18
CA ILE A 41 -6.19 21.29 7.13
C ILE A 41 -6.72 22.68 7.41
N SER A 42 -6.20 23.32 8.45
CA SER A 42 -6.69 24.64 8.82
C SER A 42 -6.14 25.70 7.85
N THR A 43 -6.82 26.86 7.83
CA THR A 43 -6.32 28.00 7.04
C THR A 43 -4.99 28.55 7.55
N ALA A 44 -4.62 28.19 8.80
CA ALA A 44 -3.30 28.50 9.35
C ALA A 44 -2.21 27.50 8.99
N GLY A 45 -2.58 26.49 8.20
CA GLY A 45 -1.63 25.56 7.66
C GLY A 45 -1.31 24.38 8.54
N GLU A 46 -2.23 24.02 9.42
CA GLU A 46 -2.03 22.81 10.25
C GLU A 46 -2.90 21.72 9.68
N ALA A 47 -2.25 20.66 9.18
CA ALA A 47 -2.95 19.47 8.76
C ALA A 47 -3.06 18.51 9.92
N GLN A 48 -4.23 17.86 10.04
CA GLN A 48 -4.39 16.85 11.05
CA GLN A 48 -4.42 16.83 11.05
C GLN A 48 -5.00 15.59 10.45
N LEU A 49 -4.59 14.46 10.99
CA LEU A 49 -5.21 13.18 10.69
C LEU A 49 -5.50 12.61 12.11
N VAL A 50 -6.76 12.27 12.38
CA VAL A 50 -7.14 11.65 13.63
C VAL A 50 -7.56 10.19 13.28
N ILE A 51 -6.88 9.26 13.93
CA ILE A 51 -7.07 7.86 13.70
C ILE A 51 -7.87 7.28 14.87
N ASP A 52 -9.07 6.74 14.60
CA ASP A 52 -9.90 6.17 15.63
C ASP A 52 -9.43 4.77 15.99
N LEU A 53 -8.76 4.65 17.15
CA LEU A 53 -8.09 3.41 17.44
C LEU A 53 -9.10 2.31 17.80
N ASN A 54 -10.32 2.68 18.16
CA ASN A 54 -11.40 1.70 18.27
C ASN A 54 -11.90 1.10 16.96
N SER A 55 -11.49 1.69 15.82
CA SER A 55 -11.89 1.18 14.50
C SER A 55 -10.88 0.21 13.91
N VAL A 56 -9.93 -0.26 14.71
CA VAL A 56 -8.98 -1.28 14.25
C VAL A 56 -9.75 -2.47 13.75
N ASN A 57 -9.26 -2.96 12.62
CA ASN A 57 -9.92 -4.07 11.91
C ASN A 57 -8.84 -5.00 11.42
N THR A 58 -8.70 -6.13 12.11
CA THR A 58 -7.75 -7.16 11.80
C THR A 58 -8.42 -8.38 11.15
N GLY A 59 -9.72 -8.29 10.91
CA GLY A 59 -10.51 -9.38 10.34
C GLY A 59 -10.95 -10.44 11.32
N ILE A 60 -10.54 -10.35 12.59
CA ILE A 60 -10.86 -11.36 13.64
C ILE A 60 -11.33 -10.56 14.87
N ASP A 61 -12.58 -10.77 15.26
CA ASP A 61 -13.18 -9.94 16.31
C ASP A 61 -12.46 -10.06 17.65
N VAL A 62 -12.10 -11.28 18.08
CA VAL A 62 -11.39 -11.44 19.35
C VAL A 62 -10.08 -10.67 19.30
N ARG A 63 -9.37 -10.73 18.20
CA ARG A 63 -8.09 -10.06 18.06
C ARG A 63 -8.26 -8.55 18.07
N ASN A 64 -9.30 -8.07 17.40
CA ASN A 64 -9.59 -6.63 17.47
C ASN A 64 -9.74 -6.18 18.89
N GLY A 65 -10.44 -6.96 19.70
CA GLY A 65 -10.69 -6.61 21.07
C GLY A 65 -9.39 -6.57 21.88
N ARG A 66 -8.54 -7.58 21.64
CA ARG A 66 -7.24 -7.63 22.34
C ARG A 66 -6.41 -6.41 21.91
N MET A 67 -6.45 -6.03 20.63
CA MET A 67 -5.70 -4.85 20.24
CA MET A 67 -5.74 -4.83 20.16
C MET A 67 -6.26 -3.58 20.89
N ARG A 68 -7.57 -3.42 20.97
CA ARG A 68 -8.12 -2.25 21.65
C ARG A 68 -7.80 -2.21 23.12
N ASP A 69 -7.96 -3.35 23.80
CA ASP A 69 -7.86 -3.42 25.24
C ASP A 69 -6.44 -3.43 25.77
N TYR A 70 -5.58 -4.16 25.10
CA TYR A 70 -4.25 -4.42 25.64
C TYR A 70 -3.12 -3.83 24.87
N LEU A 71 -3.34 -3.44 23.62
CA LEU A 71 -2.29 -2.78 22.85
C LEU A 71 -2.48 -1.26 22.91
N PHE A 72 -3.52 -0.75 22.23
CA PHE A 72 -3.77 0.63 22.18
C PHE A 72 -4.31 1.18 23.48
N GLU A 73 -4.97 0.32 24.26
CA GLU A 73 -5.60 0.72 25.56
C GLU A 73 -6.59 1.84 25.34
N THR A 74 -7.57 1.58 24.47
CA THR A 74 -8.49 2.61 23.99
C THR A 74 -9.41 3.24 25.04
N ALA A 75 -9.61 2.60 26.18
CA ALA A 75 -10.39 3.29 27.26
C ALA A 75 -9.64 4.55 27.71
N THR A 76 -8.30 4.55 27.56
CA THR A 76 -7.48 5.72 27.88
C THR A 76 -7.13 6.54 26.68
N TYR A 77 -6.88 5.81 25.59
CA TYR A 77 -6.39 6.41 24.35
C TYR A 77 -7.31 6.04 23.17
N SER A 78 -8.38 6.81 22.95
CA SER A 78 -9.38 6.42 21.97
C SER A 78 -8.87 6.72 20.53
N VAL A 79 -8.06 7.76 20.38
CA VAL A 79 -7.56 8.21 19.07
C VAL A 79 -6.06 8.45 19.10
N ALA A 80 -5.43 8.35 17.92
CA ALA A 80 -4.04 8.80 17.66
C ALA A 80 -4.14 9.99 16.73
N THR A 81 -3.36 11.02 17.00
CA THR A 81 -3.50 12.30 16.26
C THR A 81 -2.19 12.66 15.64
N VAL A 82 -2.19 12.87 14.32
CA VAL A 82 -1.03 13.35 13.61
C VAL A 82 -1.24 14.81 13.23
N THR A 83 -0.24 15.63 13.50
CA THR A 83 -0.30 17.02 13.11
CA THR A 83 -0.29 17.05 13.11
C THR A 83 0.92 17.35 12.26
N VAL A 84 0.71 18.12 11.17
CA VAL A 84 1.78 18.39 10.15
C VAL A 84 1.59 19.82 9.70
N PRO A 85 2.65 20.66 9.76
CA PRO A 85 2.58 21.98 9.14
C PRO A 85 2.62 21.87 7.63
N VAL A 86 1.74 22.60 6.96
CA VAL A 86 1.61 22.50 5.50
C VAL A 86 1.73 23.91 4.93
N ASP A 87 2.34 24.01 3.76
CA ASP A 87 2.42 25.25 2.97
C ASP A 87 1.24 25.28 2.03
N LEU A 88 0.20 26.01 2.42
CA LEU A 88 -1.02 26.04 1.62
C LEU A 88 -0.79 26.65 0.23
N ALA A 89 0.11 27.62 0.11
CA ALA A 89 0.40 28.21 -1.21
C ALA A 89 1.08 27.20 -2.14
N ALA A 90 1.94 26.33 -1.59
CA ALA A 90 2.57 25.32 -2.43
C ALA A 90 1.55 24.29 -2.90
N VAL A 91 0.60 23.93 -2.03
CA VAL A 91 -0.52 23.05 -2.41
C VAL A 91 -1.39 23.76 -3.48
N ALA A 92 -1.73 25.02 -3.25
CA ALA A 92 -2.52 25.79 -4.22
C ALA A 92 -1.85 25.88 -5.60
N GLY A 93 -0.53 25.96 -5.59
CA GLY A 93 0.23 26.07 -6.80
C GLY A 93 0.37 24.84 -7.65
N LEU A 94 -0.03 23.69 -7.14
CA LEU A 94 0.00 22.46 -7.92
C LEU A 94 -1.02 22.52 -9.00
N ALA A 95 -0.61 22.24 -10.21
CA ALA A 95 -1.53 22.09 -11.30
C ALA A 95 -2.28 20.80 -11.15
N VAL A 96 -3.46 20.74 -11.76
CA VAL A 96 -4.23 19.53 -11.73
C VAL A 96 -3.39 18.41 -12.36
N GLY A 97 -3.29 17.30 -11.61
CA GLY A 97 -2.48 16.14 -11.99
C GLY A 97 -1.01 16.21 -11.53
N GLU A 98 -0.54 17.37 -11.11
CA GLU A 98 0.86 17.54 -10.68
C GLU A 98 1.03 17.01 -9.25
N ASP A 99 2.21 16.47 -8.96
CA ASP A 99 2.60 16.08 -7.61
CA ASP A 99 2.59 16.10 -7.59
C ASP A 99 3.78 16.89 -7.12
N MET A 100 4.01 16.80 -5.83
CA MET A 100 5.22 17.32 -5.22
CA MET A 100 5.22 17.35 -5.20
C MET A 100 5.56 16.43 -4.05
N LEU A 101 6.84 16.39 -3.73
CA LEU A 101 7.35 15.73 -2.52
C LEU A 101 7.47 16.78 -1.42
N VAL A 102 7.03 16.43 -0.22
CA VAL A 102 7.11 17.34 0.94
C VAL A 102 7.81 16.60 2.05
N ASP A 103 8.93 17.12 2.54
CA ASP A 103 9.65 16.56 3.68
C ASP A 103 9.03 17.16 4.94
N VAL A 104 8.38 16.33 5.72
CA VAL A 104 7.64 16.76 6.93
C VAL A 104 8.26 16.27 8.21
N SER A 105 8.03 17.05 9.28
CA SER A 105 8.24 16.60 10.62
C SER A 105 6.83 16.57 11.20
N ALA A 106 6.24 15.39 11.20
CA ALA A 106 4.84 15.24 11.62
C ALA A 106 4.89 14.77 13.06
N THR A 107 4.04 15.34 13.91
CA THR A 107 3.94 14.84 15.26
CA THR A 107 3.93 14.83 15.27
C THR A 107 2.84 13.81 15.35
N LEU A 108 3.17 12.65 15.89
CA LEU A 108 2.23 11.55 16.12
C LEU A 108 2.03 11.41 17.61
N ASP A 109 0.81 11.62 18.08
CA ASP A 109 0.38 11.42 19.46
C ASP A 109 -0.32 10.07 19.52
N LEU A 110 0.42 9.04 19.95
CA LEU A 110 -0.05 7.68 20.03
C LEU A 110 0.33 7.08 21.36
N HIS A 111 -0.66 6.47 22.00
CA HIS A 111 -0.45 5.75 23.23
C HIS A 111 0.27 6.58 24.29
N GLY A 112 -0.08 7.87 24.34
CA GLY A 112 0.46 8.81 25.30
C GLY A 112 1.89 9.22 25.16
N VAL A 113 2.51 8.95 24.01
CA VAL A 113 3.91 9.30 23.80
C VAL A 113 4.09 10.08 22.48
N PRO A 114 3.92 11.40 22.49
CA PRO A 114 4.13 12.17 21.26
C PRO A 114 5.55 12.01 20.70
N GLY A 115 5.64 11.86 19.40
CA GLY A 115 6.91 11.71 18.73
C GLY A 115 6.87 12.34 17.38
N VAL A 116 8.03 12.62 16.82
CA VAL A 116 8.10 13.23 15.50
C VAL A 116 8.43 12.16 14.48
N ILE A 117 7.67 12.15 13.38
CA ILE A 117 7.96 11.28 12.22
C ILE A 117 8.51 12.18 11.15
N ASP A 118 9.80 12.00 10.84
CA ASP A 118 10.46 12.72 9.78
C ASP A 118 10.35 11.85 8.53
N THR A 119 9.50 12.27 7.60
CA THR A 119 9.25 11.42 6.42
C THR A 119 8.91 12.30 5.24
N GLN A 120 8.72 11.69 4.08
CA GLN A 120 8.42 12.41 2.89
C GLN A 120 7.02 11.98 2.41
N LEU A 121 6.20 12.97 2.11
CA LEU A 121 4.85 12.76 1.60
C LEU A 121 4.79 13.13 0.15
N ASN A 122 3.93 12.39 -0.58
CA ASN A 122 3.57 12.70 -1.93
C ASN A 122 2.21 13.40 -1.89
N VAL A 123 2.17 14.60 -2.47
CA VAL A 123 0.95 15.36 -2.56
C VAL A 123 0.63 15.57 -4.04
N GLN A 124 -0.53 15.13 -4.46
CA GLN A 124 -0.94 15.28 -5.86
C GLN A 124 -2.28 15.96 -5.93
N ARG A 125 -2.40 16.95 -6.81
CA ARG A 125 -3.68 17.60 -7.04
C ARG A 125 -4.52 16.78 -8.01
N LEU A 126 -5.75 16.48 -7.62
CA LEU A 126 -6.65 15.74 -8.47
C LEU A 126 -7.67 16.56 -9.20
N SER A 127 -8.03 17.72 -8.64
CA SER A 127 -9.00 18.61 -9.24
C SER A 127 -8.79 19.99 -8.61
N ALA A 128 -9.67 20.95 -8.96
CA ALA A 128 -9.56 22.29 -8.36
C ALA A 128 -9.77 22.30 -6.88
N THR A 129 -10.41 21.27 -6.30
CA THR A 129 -10.70 21.22 -4.89
C THR A 129 -10.13 20.01 -4.15
N ARG A 130 -9.57 19.03 -4.84
CA ARG A 130 -9.23 17.75 -4.18
C ARG A 130 -7.78 17.42 -4.32
N ILE A 131 -7.16 16.99 -3.23
CA ILE A 131 -5.79 16.56 -3.24
C ILE A 131 -5.69 15.18 -2.60
N MET A 132 -4.65 14.45 -2.99
CA MET A 132 -4.32 13.12 -2.50
C MET A 132 -2.93 13.16 -1.84
N VAL A 133 -2.87 12.67 -0.60
CA VAL A 133 -1.64 12.66 0.17
C VAL A 133 -1.32 11.27 0.62
N GLN A 134 -0.09 10.85 0.35
CA GLN A 134 0.30 9.51 0.74
CA GLN A 134 0.36 9.47 0.61
C GLN A 134 1.77 9.45 1.13
N ASN A 135 2.13 8.43 1.88
CA ASN A 135 3.55 8.25 2.21
C ASN A 135 4.31 7.92 0.94
N GLN A 136 5.38 8.66 0.70
CA GLN A 136 6.15 8.47 -0.52
C GLN A 136 6.92 7.21 -0.48
N SER A 137 7.31 6.75 0.69
CA SER A 137 8.04 5.50 0.76
C SER A 137 7.52 4.67 1.88
N PRO A 138 7.90 3.37 1.87
CA PRO A 138 7.54 2.60 3.02
C PRO A 138 7.97 3.29 4.36
N LEU A 139 7.06 3.29 5.31
CA LEU A 139 7.11 4.07 6.55
C LEU A 139 7.02 3.07 7.70
N LEU A 140 8.04 2.99 8.54
CA LEU A 140 8.08 1.99 9.60
CA LEU A 140 8.06 1.97 9.59
C LEU A 140 7.93 2.68 10.94
N ILE A 141 7.08 2.14 11.79
CA ILE A 141 6.90 2.60 13.16
C ILE A 141 7.47 1.53 14.08
N LYS A 142 8.18 1.97 15.12
CA LYS A 142 8.73 1.06 16.11
C LYS A 142 7.85 1.12 17.36
N ALA A 143 7.32 -0.03 17.77
CA ALA A 143 6.42 -0.03 18.93
C ALA A 143 7.02 0.59 20.18
N ALA A 144 8.33 0.40 20.38
CA ALA A 144 8.98 0.93 21.55
C ALA A 144 8.99 2.45 21.60
N ASP A 145 8.90 3.09 20.44
CA ASP A 145 8.83 4.56 20.42
C ASP A 145 7.55 5.11 21.07
N TYR A 146 6.50 4.26 21.16
CA TYR A 146 5.23 4.69 21.77
C TYR A 146 4.81 3.83 22.96
N SER A 147 5.77 3.18 23.63
CA SER A 147 5.56 2.33 24.79
C SER A 147 4.53 1.24 24.50
N LEU A 148 4.61 0.68 23.30
CA LEU A 148 3.65 -0.37 22.85
C LEU A 148 4.22 -1.79 22.92
N GLU A 149 5.49 -1.94 23.29
CA GLU A 149 6.11 -3.24 23.29
CA GLU A 149 6.12 -3.25 23.32
C GLU A 149 5.45 -4.16 24.34
N ALA A 150 5.07 -3.63 25.49
CA ALA A 150 4.45 -4.47 26.52
C ALA A 150 3.12 -5.02 26.04
N GLY A 151 2.38 -4.23 25.32
CA GLY A 151 1.14 -4.68 24.75
C GLY A 151 1.35 -5.78 23.73
N ILE A 152 2.36 -5.63 22.89
CA ILE A 152 2.71 -6.70 21.94
C ILE A 152 3.06 -7.98 22.68
N GLU A 153 3.76 -7.87 23.81
CA GLU A 153 4.11 -9.05 24.58
CA GLU A 153 4.11 -9.02 24.63
C GLU A 153 2.86 -9.71 25.16
N THR A 154 1.90 -8.90 25.59
CA THR A 154 0.60 -9.45 26.05
C THR A 154 -0.08 -10.21 24.93
N LEU A 155 -0.15 -9.61 23.74
CA LEU A 155 -0.75 -10.31 22.59
C LEU A 155 0.01 -11.59 22.27
N ARG A 156 1.34 -11.55 22.36
CA ARG A 156 2.18 -12.72 22.04
C ARG A 156 1.86 -13.85 23.00
N ASN A 157 1.85 -13.51 24.30
CA ASN A 157 1.66 -14.51 25.34
C ASN A 157 0.23 -15.06 25.29
N LEU A 158 -0.75 -14.23 24.94
CA LEU A 158 -2.13 -14.68 24.84
C LEU A 158 -2.33 -15.65 23.68
N ALA A 159 -1.57 -15.45 22.62
CA ALA A 159 -1.59 -16.31 21.43
C ALA A 159 -0.65 -17.50 21.48
N SER A 160 0.14 -17.61 22.54
CA SER A 160 1.20 -18.63 22.64
C SER A 160 2.22 -18.57 21.46
N LEU A 161 2.51 -17.37 20.99
CA LEU A 161 3.37 -17.21 19.84
C LEU A 161 4.81 -17.04 20.30
N ASN A 162 5.73 -17.44 19.45
CA ASN A 162 7.15 -17.35 19.74
C ASN A 162 7.71 -15.95 19.56
N VAL A 163 7.26 -15.28 18.50
CA VAL A 163 7.76 -13.96 18.10
C VAL A 163 6.64 -13.15 17.42
N ILE A 164 6.55 -11.89 17.80
CA ILE A 164 5.79 -10.90 17.03
C ILE A 164 6.76 -9.75 16.85
N SER A 165 6.93 -9.28 15.60
CA SER A 165 7.86 -8.18 15.35
C SER A 165 7.34 -6.91 16.00
N THR A 166 8.27 -6.09 16.51
CA THR A 166 7.91 -4.78 17.09
C THR A 166 8.03 -3.63 16.12
N THR A 167 8.36 -3.92 14.86
CA THR A 167 8.39 -2.90 13.83
C THR A 167 7.18 -3.10 12.91
N VAL A 168 6.49 -2.01 12.62
CA VAL A 168 5.23 -2.03 11.90
C VAL A 168 5.22 -1.05 10.71
N PRO A 169 5.22 -1.58 9.45
CA PRO A 169 5.01 -0.69 8.29
C PRO A 169 3.62 -0.07 8.30
N VAL A 170 3.54 1.21 7.99
CA VAL A 170 2.26 1.93 7.89
C VAL A 170 2.16 2.54 6.50
N ASP A 171 0.99 2.42 5.84
CA ASP A 171 0.71 3.03 4.55
C ASP A 171 -0.60 3.74 4.60
N PHE A 172 -0.71 4.85 3.89
CA PHE A 172 -1.96 5.60 3.87
C PHE A 172 -2.16 6.29 2.56
N VAL A 173 -3.41 6.45 2.17
CA VAL A 173 -3.82 7.34 1.06
C VAL A 173 -4.95 8.19 1.62
N LEU A 174 -4.71 9.50 1.70
CA LEU A 174 -5.64 10.45 2.30
C LEU A 174 -6.15 11.37 1.21
N PHE A 175 -7.45 11.63 1.18
CA PHE A 175 -8.01 12.58 0.24
C PHE A 175 -8.56 13.75 1.00
N TYR A 176 -8.10 14.94 0.64
CA TYR A 176 -8.56 16.16 1.29
C TYR A 176 -9.26 17.04 0.25
N GLU A 177 -10.34 17.69 0.64
CA GLU A 177 -11.19 18.44 -0.24
C GLU A 177 -11.49 19.80 0.33
N ALA A 178 -11.20 20.82 -0.48
N ALA A 178 -11.41 20.86 -0.47
CA ALA A 178 -11.48 22.23 -0.20
CA ALA A 178 -12.03 22.14 -0.07
C ALA A 178 -12.92 22.60 -0.50
C ALA A 178 -13.48 21.97 0.43
N PRO A 179 -13.46 23.62 0.20
N PRO A 179 -13.83 22.63 1.57
CA PRO A 179 -14.76 24.26 -0.09
CA PRO A 179 -15.20 22.53 2.09
C PRO A 179 -14.80 25.00 -1.42
C PRO A 179 -16.21 23.37 1.30
N HIS B 4 17.85 -12.66 -24.37
CA HIS B 4 16.76 -11.63 -24.25
C HIS B 4 17.30 -10.25 -24.70
N HIS B 5 17.40 -9.33 -23.74
CA HIS B 5 18.03 -8.03 -23.93
C HIS B 5 18.85 -7.72 -22.69
N HIS B 6 19.98 -7.06 -22.92
CA HIS B 6 20.82 -6.53 -21.86
C HIS B 6 20.01 -5.60 -21.00
N LEU B 7 20.22 -5.70 -19.69
CA LEU B 7 19.51 -4.86 -18.75
C LEU B 7 20.27 -3.61 -18.30
N ALA B 8 19.54 -2.50 -18.45
CA ALA B 8 19.82 -1.22 -17.83
C ALA B 8 19.59 -1.27 -16.31
N TYR B 9 18.56 -2.01 -15.90
CA TYR B 9 18.25 -2.21 -14.48
C TYR B 9 17.69 -3.64 -14.31
N SER B 10 17.93 -4.21 -13.12
CA SER B 10 17.32 -5.44 -12.67
C SER B 10 16.45 -5.15 -11.47
N LEU B 11 15.33 -5.82 -11.38
CA LEU B 11 14.50 -5.75 -10.17
C LEU B 11 15.23 -6.39 -9.01
N ASP B 12 15.33 -5.62 -7.91
CA ASP B 12 15.78 -6.14 -6.63
C ASP B 12 14.61 -6.89 -6.04
N ALA B 13 14.58 -8.20 -6.30
CA ALA B 13 13.38 -9.02 -6.09
C ALA B 13 13.10 -9.08 -4.62
N THR B 14 14.11 -9.26 -3.79
CA THR B 14 13.86 -9.46 -2.38
C THR B 14 13.39 -8.17 -1.64
N ALA B 15 13.67 -6.99 -2.19
CA ALA B 15 13.25 -5.72 -1.62
C ALA B 15 11.87 -5.26 -2.11
N SER B 16 11.45 -5.82 -3.22
CA SER B 16 10.24 -5.41 -3.90
C SER B 16 9.03 -6.19 -3.42
N PHE B 17 7.88 -5.59 -3.53
CA PHE B 17 6.62 -6.29 -3.20
C PHE B 17 5.44 -5.91 -4.07
N LEU B 18 4.51 -6.84 -4.18
CA LEU B 18 3.24 -6.63 -4.87
C LEU B 18 2.15 -7.33 -4.09
N ASN B 19 1.14 -6.57 -3.74
CA ASN B 19 0.04 -7.11 -2.95
CA ASN B 19 0.01 -6.94 -2.85
C ASN B 19 -1.30 -6.93 -3.66
N PHE B 20 -2.26 -7.77 -3.29
CA PHE B 20 -3.59 -7.68 -3.86
C PHE B 20 -4.60 -7.94 -2.76
N VAL B 21 -5.75 -7.30 -2.86
CA VAL B 21 -6.73 -7.33 -1.77
C VAL B 21 -8.00 -8.03 -2.21
N SER B 22 -8.39 -9.06 -1.47
CA SER B 22 -9.72 -9.64 -1.65
C SER B 22 -10.75 -9.02 -0.70
N SER B 23 -12.02 -9.08 -1.09
CA SER B 23 -13.16 -8.66 -0.24
C SER B 23 -14.18 -9.77 -0.24
N LYS B 24 -14.66 -10.14 0.93
CA LYS B 24 -15.64 -11.24 1.04
C LYS B 24 -16.68 -10.81 2.02
N LYS B 25 -17.91 -11.29 1.85
CA LYS B 25 -19.02 -10.93 2.72
C LYS B 25 -19.26 -9.40 2.68
N THR B 26 -19.55 -8.80 3.83
CA THR B 26 -19.77 -7.36 3.98
C THR B 26 -18.43 -6.63 3.94
N HIS B 27 -17.88 -6.50 2.73
CA HIS B 27 -16.69 -5.75 2.49
C HIS B 27 -15.54 -6.06 3.51
N VAL B 28 -15.32 -7.36 3.80
CA VAL B 28 -14.25 -7.78 4.69
C VAL B 28 -12.99 -7.94 3.86
N LEU B 29 -11.94 -7.18 4.20
CA LEU B 29 -10.72 -7.08 3.34
C LEU B 29 -9.54 -7.93 3.80
N GLU B 30 -8.85 -8.58 2.86
CA GLU B 30 -7.63 -9.25 3.24
C GLU B 30 -6.58 -8.97 2.17
N THR B 31 -5.38 -8.64 2.61
CA THR B 31 -4.26 -8.39 1.73
C THR B 31 -3.40 -9.62 1.57
N HIS B 32 -3.16 -10.00 0.31
CA HIS B 32 -2.34 -11.13 -0.04
C HIS B 32 -1.13 -10.64 -0.83
N ARG B 33 -0.14 -11.49 -0.99
CA ARG B 33 1.09 -11.05 -1.65
CA ARG B 33 1.03 -11.02 -1.72
C ARG B 33 1.66 -12.17 -2.50
N PHE B 34 2.64 -11.82 -3.29
CA PHE B 34 3.43 -12.81 -4.08
C PHE B 34 4.84 -12.75 -3.56
N ASP B 35 5.36 -13.89 -3.13
CA ASP B 35 6.66 -13.93 -2.47
C ASP B 35 7.79 -13.79 -3.50
N VAL B 36 7.54 -14.10 -4.78
CA VAL B 36 8.60 -14.12 -5.81
C VAL B 36 8.20 -13.23 -7.00
N LEU B 37 8.97 -12.18 -7.20
CA LEU B 37 8.85 -11.26 -8.28
C LEU B 37 10.20 -11.22 -8.97
N SER B 38 10.20 -10.98 -10.27
CA SER B 38 11.43 -10.65 -10.99
C SER B 38 11.17 -9.57 -12.01
N GLY B 39 12.23 -9.09 -12.63
CA GLY B 39 12.03 -8.15 -13.69
C GLY B 39 13.30 -7.41 -14.01
N GLY B 40 13.13 -6.43 -14.88
CA GLY B 40 14.24 -5.66 -15.33
C GLY B 40 13.79 -4.63 -16.32
N ILE B 41 14.70 -3.76 -16.71
CA ILE B 41 14.42 -2.75 -17.73
C ILE B 41 15.52 -2.87 -18.77
N SER B 42 15.14 -3.10 -20.00
CA SER B 42 16.08 -3.31 -21.14
C SER B 42 16.73 -2.01 -21.54
N THR B 43 17.89 -2.09 -22.21
CA THR B 43 18.52 -0.89 -22.67
C THR B 43 17.68 -0.16 -23.74
N ALA B 44 16.70 -0.81 -24.38
CA ALA B 44 15.65 -0.11 -25.21
C ALA B 44 14.49 0.56 -24.46
N GLY B 45 14.46 0.36 -23.16
CA GLY B 45 13.42 0.99 -22.37
C GLY B 45 12.20 0.11 -22.27
N GLU B 46 12.37 -1.22 -22.35
CA GLU B 46 11.23 -2.07 -22.03
C GLU B 46 11.33 -2.56 -20.61
N ALA B 47 10.39 -2.11 -19.77
CA ALA B 47 10.34 -2.52 -18.38
C ALA B 47 9.46 -3.75 -18.26
N GLN B 48 9.87 -4.66 -17.39
CA GLN B 48 9.09 -5.87 -17.11
C GLN B 48 9.03 -6.16 -15.63
N LEU B 49 7.87 -6.67 -15.23
CA LEU B 49 7.66 -7.28 -13.92
C LEU B 49 7.04 -8.62 -14.15
N VAL B 50 7.67 -9.68 -13.62
CA VAL B 50 7.17 -11.04 -13.72
C VAL B 50 6.78 -11.53 -12.33
N ILE B 51 5.52 -11.88 -12.19
CA ILE B 51 4.92 -12.27 -10.91
C ILE B 51 4.79 -13.79 -10.94
N ASP B 52 5.50 -14.43 -10.06
CA ASP B 52 5.48 -15.91 -9.99
C ASP B 52 4.20 -16.34 -9.26
N LEU B 53 3.25 -16.84 -10.01
CA LEU B 53 1.92 -17.13 -9.41
C LEU B 53 1.97 -18.30 -8.44
N ASN B 54 2.98 -19.16 -8.57
CA ASN B 54 3.16 -20.23 -7.57
C ASN B 54 3.64 -19.72 -6.22
N SER B 55 4.01 -18.43 -6.15
CA SER B 55 4.49 -17.82 -4.92
C SER B 55 3.41 -17.04 -4.17
N VAL B 56 2.16 -17.23 -4.56
CA VAL B 56 1.04 -16.60 -3.86
C VAL B 56 1.11 -16.95 -2.37
N ASN B 57 0.86 -15.94 -1.55
CA ASN B 57 0.99 -16.03 -0.10
C ASN B 57 -0.19 -15.33 0.55
N THR B 58 -1.13 -16.14 1.07
CA THR B 58 -2.34 -15.68 1.70
C THR B 58 -2.29 -15.92 3.20
N GLY B 59 -1.20 -16.49 3.70
CA GLY B 59 -1.07 -16.81 5.12
C GLY B 59 -1.57 -18.19 5.50
N ILE B 60 -2.28 -18.86 4.57
CA ILE B 60 -2.94 -20.13 4.80
C ILE B 60 -2.54 -21.06 3.63
N ASP B 61 -1.72 -22.07 3.93
CA ASP B 61 -1.14 -23.01 2.91
CA ASP B 61 -1.23 -22.97 2.92
C ASP B 61 -2.31 -23.64 2.06
N VAL B 62 -3.40 -24.09 2.69
CA VAL B 62 -4.52 -24.70 1.92
C VAL B 62 -5.08 -23.72 0.92
N ARG B 63 -5.23 -22.46 1.35
CA ARG B 63 -5.82 -21.45 0.53
C ARG B 63 -4.83 -21.14 -0.59
N ASN B 64 -3.53 -21.09 -0.23
CA ASN B 64 -2.52 -20.88 -1.29
C ASN B 64 -2.67 -21.91 -2.41
N GLY B 65 -2.83 -23.17 -2.03
CA GLY B 65 -2.94 -24.23 -2.98
C GLY B 65 -4.21 -24.16 -3.79
N ARG B 66 -5.32 -23.78 -3.15
CA ARG B 66 -6.54 -23.54 -3.91
C ARG B 66 -6.38 -22.41 -4.94
N MET B 67 -5.68 -21.35 -4.56
CA MET B 67 -5.42 -20.27 -5.51
CA MET B 67 -5.34 -20.23 -5.46
C MET B 67 -4.52 -20.71 -6.64
N ARG B 68 -3.48 -21.48 -6.35
CA ARG B 68 -2.64 -21.97 -7.44
C ARG B 68 -3.44 -22.86 -8.38
N ASP B 69 -4.21 -23.80 -7.84
CA ASP B 69 -4.80 -24.87 -8.61
C ASP B 69 -6.06 -24.43 -9.36
N TYR B 70 -6.86 -23.62 -8.67
CA TYR B 70 -8.21 -23.31 -9.19
C TYR B 70 -8.41 -21.91 -9.67
N LEU B 71 -7.62 -20.95 -9.17
CA LEU B 71 -7.74 -19.55 -9.57
C LEU B 71 -6.78 -19.25 -10.68
N PHE B 72 -5.48 -19.25 -10.37
CA PHE B 72 -4.49 -18.95 -11.37
C PHE B 72 -4.22 -20.10 -12.32
N GLU B 73 -4.45 -21.33 -11.86
CA GLU B 73 -4.22 -22.51 -12.65
C GLU B 73 -2.76 -22.59 -13.12
N THR B 74 -1.88 -22.68 -12.13
CA THR B 74 -0.48 -22.47 -12.39
C THR B 74 0.23 -23.57 -13.14
N ALA B 75 -0.38 -24.73 -13.24
CA ALA B 75 0.19 -25.74 -14.12
C ALA B 75 0.17 -25.27 -15.60
N THR B 76 -0.78 -24.40 -15.95
CA THR B 76 -0.90 -23.86 -17.26
C THR B 76 -0.31 -22.45 -17.29
N TYR B 77 -0.56 -21.68 -16.23
CA TYR B 77 -0.15 -20.27 -16.17
C TYR B 77 0.72 -19.99 -14.94
N SER B 78 2.01 -20.22 -15.08
CA SER B 78 2.89 -20.15 -13.92
C SER B 78 3.24 -18.74 -13.49
N VAL B 79 3.28 -17.83 -14.45
CA VAL B 79 3.63 -16.44 -14.20
C VAL B 79 2.65 -15.48 -14.86
N ALA B 80 2.55 -14.29 -14.25
CA ALA B 80 1.90 -13.17 -14.89
C ALA B 80 2.98 -12.15 -15.26
N THR B 81 2.86 -11.55 -16.45
CA THR B 81 3.92 -10.69 -16.96
C THR B 81 3.40 -9.33 -17.30
N VAL B 82 4.06 -8.31 -16.73
CA VAL B 82 3.75 -6.91 -17.06
C VAL B 82 4.90 -6.39 -17.92
N THR B 83 4.57 -5.79 -19.06
CA THR B 83 5.54 -5.18 -19.96
CA THR B 83 5.59 -5.13 -19.86
C THR B 83 5.11 -3.71 -20.18
N VAL B 84 6.04 -2.78 -20.07
CA VAL B 84 5.69 -1.39 -20.32
C VAL B 84 6.92 -0.60 -20.85
N PRO B 85 6.72 0.20 -21.88
CA PRO B 85 7.87 0.97 -22.39
C PRO B 85 8.07 2.20 -21.52
N VAL B 86 9.34 2.46 -21.22
CA VAL B 86 9.81 3.51 -20.32
CA VAL B 86 9.62 3.65 -20.43
C VAL B 86 10.75 4.45 -21.10
N ASP B 87 10.81 5.71 -20.71
CA ASP B 87 11.76 6.67 -21.30
C ASP B 87 13.03 6.63 -20.44
N LEU B 88 14.03 5.89 -20.92
CA LEU B 88 15.28 5.69 -20.13
C LEU B 88 16.02 7.01 -19.95
N ALA B 89 15.93 7.90 -20.93
CA ALA B 89 16.58 9.22 -20.74
C ALA B 89 15.97 9.99 -19.60
N ALA B 90 14.64 9.99 -19.49
CA ALA B 90 14.02 10.68 -18.41
C ALA B 90 14.35 10.07 -17.05
N VAL B 91 14.47 8.75 -17.01
CA VAL B 91 14.93 8.07 -15.81
C VAL B 91 16.40 8.48 -15.52
N ALA B 92 17.25 8.44 -16.53
CA ALA B 92 18.69 8.79 -16.33
C ALA B 92 18.86 10.21 -15.84
N GLY B 93 17.99 11.11 -16.29
CA GLY B 93 18.02 12.49 -15.86
C GLY B 93 17.46 12.83 -14.51
N LEU B 94 16.76 11.88 -13.89
CA LEU B 94 16.18 12.10 -12.57
CA LEU B 94 16.18 12.11 -12.61
C LEU B 94 17.28 12.22 -11.55
N ALA B 95 17.33 13.36 -10.89
CA ALA B 95 18.33 13.53 -9.81
C ALA B 95 18.05 12.61 -8.63
N VAL B 96 19.11 12.22 -7.92
CA VAL B 96 18.93 11.48 -6.69
C VAL B 96 18.01 12.26 -5.74
N GLY B 97 17.03 11.52 -5.24
CA GLY B 97 15.97 12.05 -4.41
C GLY B 97 14.71 12.61 -5.06
N GLU B 98 14.77 12.88 -6.35
CA GLU B 98 13.71 13.50 -7.17
CA GLU B 98 13.64 13.49 -7.05
C GLU B 98 12.71 12.43 -7.61
N ASP B 99 11.43 12.79 -7.72
CA ASP B 99 10.48 11.93 -8.37
C ASP B 99 9.94 12.50 -9.67
N MET B 100 9.23 11.68 -10.37
CA MET B 100 8.51 12.06 -11.56
CA MET B 100 8.53 12.05 -11.58
C MET B 100 7.34 11.10 -11.72
N LEU B 101 6.26 11.62 -12.25
CA LEU B 101 5.08 10.86 -12.62
C LEU B 101 5.23 10.43 -14.08
N VAL B 102 4.95 9.17 -14.34
CA VAL B 102 5.08 8.58 -15.71
C VAL B 102 3.72 8.01 -16.06
N ASP B 103 3.13 8.48 -17.15
CA ASP B 103 1.93 7.88 -17.64
C ASP B 103 2.36 6.69 -18.51
N VAL B 104 1.79 5.54 -18.26
CA VAL B 104 2.17 4.33 -18.96
C VAL B 104 0.97 3.64 -19.54
N SER B 105 1.22 2.84 -20.57
CA SER B 105 0.31 1.84 -21.04
C SER B 105 1.01 0.52 -20.94
N ALA B 106 0.58 -0.27 -19.93
CA ALA B 106 1.21 -1.53 -19.61
C ALA B 106 0.39 -2.68 -20.17
N THR B 107 1.05 -3.73 -20.63
CA THR B 107 0.39 -4.98 -20.92
CA THR B 107 0.34 -4.97 -20.89
C THR B 107 0.51 -5.90 -19.73
N LEU B 108 -0.62 -6.46 -19.30
CA LEU B 108 -0.63 -7.48 -18.22
C LEU B 108 -1.10 -8.81 -18.82
N ASP B 109 -0.20 -9.76 -18.89
CA ASP B 109 -0.52 -11.08 -19.38
C ASP B 109 -0.81 -11.95 -18.14
N LEU B 110 -2.08 -12.17 -17.88
CA LEU B 110 -2.55 -12.92 -16.69
C LEU B 110 -3.64 -13.88 -17.10
N HIS B 111 -3.45 -15.14 -16.70
CA HIS B 111 -4.44 -16.19 -16.88
C HIS B 111 -4.83 -16.33 -18.35
N GLY B 112 -3.83 -16.16 -19.21
CA GLY B 112 -3.97 -16.35 -20.66
C GLY B 112 -4.67 -15.23 -21.41
N VAL B 113 -4.89 -14.10 -20.74
CA VAL B 113 -5.57 -12.93 -21.32
C VAL B 113 -4.61 -11.78 -21.28
N PRO B 114 -4.33 -11.18 -22.46
CA PRO B 114 -3.50 -10.01 -22.36
C PRO B 114 -4.36 -8.78 -22.17
N GLY B 115 -4.17 -8.10 -21.07
CA GLY B 115 -4.88 -6.92 -20.73
C GLY B 115 -4.02 -5.72 -20.94
N VAL B 116 -4.67 -4.58 -21.07
CA VAL B 116 -4.04 -3.26 -21.22
C VAL B 116 -4.41 -2.41 -20.01
N ILE B 117 -3.37 -1.92 -19.32
CA ILE B 117 -3.53 -1.06 -18.14
C ILE B 117 -2.92 0.32 -18.38
N ASP B 118 -3.78 1.33 -18.45
CA ASP B 118 -3.34 2.69 -18.64
C ASP B 118 -3.36 3.36 -17.29
N THR B 119 -2.18 3.64 -16.75
CA THR B 119 -2.11 4.16 -15.36
C THR B 119 -0.95 5.07 -15.19
N GLN B 120 -0.83 5.68 -14.00
CA GLN B 120 0.26 6.56 -13.75
C GLN B 120 1.15 5.92 -12.65
N LEU B 121 2.44 5.93 -12.91
CA LEU B 121 3.44 5.44 -11.95
C LEU B 121 4.26 6.59 -11.37
N ASN B 122 4.65 6.41 -10.13
CA ASN B 122 5.60 7.26 -9.48
C ASN B 122 6.96 6.63 -9.56
N VAL B 123 7.94 7.37 -10.09
CA VAL B 123 9.32 6.92 -10.15
C VAL B 123 10.17 7.88 -9.32
N GLN B 124 10.88 7.38 -8.31
CA GLN B 124 11.79 8.22 -7.55
C GLN B 124 13.18 7.64 -7.53
N ARG B 125 14.18 8.47 -7.76
CA ARG B 125 15.56 7.95 -7.73
C ARG B 125 16.07 7.96 -6.30
N LEU B 126 16.58 6.82 -5.83
CA LEU B 126 17.07 6.68 -4.49
C LEU B 126 18.58 6.83 -4.39
N SER B 127 19.29 6.45 -5.47
CA SER B 127 20.74 6.56 -5.52
C SER B 127 21.14 6.65 -6.98
N ALA B 128 22.44 6.77 -7.24
CA ALA B 128 22.92 6.82 -8.60
C ALA B 128 22.55 5.59 -9.38
N THR B 129 22.27 4.46 -8.71
CA THR B 129 22.00 3.20 -9.38
C THR B 129 20.58 2.64 -9.08
N ARG B 130 19.82 3.25 -8.20
CA ARG B 130 18.60 2.62 -7.74
C ARG B 130 17.40 3.57 -7.87
N ILE B 131 16.30 3.02 -8.38
CA ILE B 131 15.03 3.71 -8.45
C ILE B 131 13.94 2.90 -7.79
N MET B 132 12.90 3.61 -7.37
CA MET B 132 11.71 3.02 -6.75
C MET B 132 10.51 3.39 -7.60
N VAL B 133 9.75 2.36 -8.01
CA VAL B 133 8.56 2.53 -8.83
C VAL B 133 7.33 2.01 -8.12
N GLN B 134 6.30 2.84 -8.06
CA GLN B 134 5.07 2.43 -7.41
CA GLN B 134 5.05 2.56 -7.33
C GLN B 134 3.86 2.99 -8.13
N ASN B 135 2.73 2.36 -7.89
CA ASN B 135 1.51 2.86 -8.51
C ASN B 135 1.18 4.20 -7.83
N GLN B 136 0.92 5.27 -8.61
CA GLN B 136 0.66 6.57 -8.01
C GLN B 136 -0.65 6.61 -7.34
N SER B 137 -1.63 5.87 -7.85
CA SER B 137 -2.92 5.92 -7.21
C SER B 137 -3.43 4.50 -7.03
N PRO B 138 -4.44 4.36 -6.18
CA PRO B 138 -5.07 3.06 -6.15
C PRO B 138 -5.38 2.44 -7.55
N LEU B 139 -5.06 1.17 -7.70
CA LEU B 139 -5.15 0.43 -8.96
C LEU B 139 -6.03 -0.81 -8.75
N LEU B 140 -7.02 -1.01 -9.63
CA LEU B 140 -8.02 -2.09 -9.50
C LEU B 140 -7.96 -3.03 -10.72
N ILE B 141 -8.05 -4.31 -10.45
CA ILE B 141 -8.18 -5.38 -11.46
C ILE B 141 -9.58 -5.96 -11.36
N LYS B 142 -10.25 -6.11 -12.48
CA LYS B 142 -11.56 -6.77 -12.51
C LYS B 142 -11.33 -8.20 -12.95
N ALA B 143 -11.72 -9.17 -12.13
CA ALA B 143 -11.47 -10.58 -12.47
C ALA B 143 -11.96 -10.98 -13.88
N ALA B 144 -13.12 -10.49 -14.28
CA ALA B 144 -13.68 -10.79 -15.60
C ALA B 144 -12.75 -10.43 -16.76
N ASP B 145 -11.90 -9.43 -16.56
CA ASP B 145 -11.02 -9.01 -17.63
C ASP B 145 -9.93 -10.04 -17.95
N TYR B 146 -9.72 -11.00 -17.04
CA TYR B 146 -8.66 -12.00 -17.18
C TYR B 146 -9.26 -13.40 -17.04
N SER B 147 -10.57 -13.51 -17.23
CA SER B 147 -11.29 -14.78 -17.15
CA SER B 147 -11.26 -14.79 -17.19
C SER B 147 -11.07 -15.49 -15.83
N LEU B 148 -11.08 -14.71 -14.75
CA LEU B 148 -10.81 -15.24 -13.42
C LEU B 148 -12.06 -15.37 -12.56
N GLU B 149 -13.24 -15.02 -13.10
CA GLU B 149 -14.49 -15.08 -12.32
CA GLU B 149 -14.50 -15.11 -12.34
C GLU B 149 -14.82 -16.53 -11.86
N ALA B 150 -14.62 -17.51 -12.75
CA ALA B 150 -14.96 -18.88 -12.38
C ALA B 150 -14.05 -19.37 -11.26
N GLY B 151 -12.79 -18.97 -11.29
CA GLY B 151 -11.87 -19.35 -10.27
C GLY B 151 -12.25 -18.79 -8.91
N ILE B 152 -12.69 -17.54 -8.90
CA ILE B 152 -13.17 -16.95 -7.67
C ILE B 152 -14.39 -17.72 -7.20
N GLU B 153 -15.27 -18.07 -8.11
CA GLU B 153 -16.43 -18.87 -7.70
C GLU B 153 -16.07 -20.25 -7.10
N THR B 154 -15.06 -20.92 -7.67
CA THR B 154 -14.54 -22.16 -7.08
C THR B 154 -14.10 -21.91 -5.63
N LEU B 155 -13.33 -20.85 -5.41
CA LEU B 155 -12.90 -20.53 -4.05
C LEU B 155 -14.06 -20.26 -3.12
N ARG B 156 -15.06 -19.53 -3.60
CA ARG B 156 -16.25 -19.29 -2.80
C ARG B 156 -16.95 -20.59 -2.41
N ASN B 157 -17.16 -21.44 -3.41
CA ASN B 157 -17.83 -22.77 -3.27
CA ASN B 157 -17.86 -22.73 -3.20
C ASN B 157 -17.07 -23.64 -2.24
N LEU B 158 -15.76 -23.75 -2.44
CA LEU B 158 -14.95 -24.59 -1.53
C LEU B 158 -14.95 -24.08 -0.08
N ALA B 159 -15.07 -22.78 0.15
CA ALA B 159 -15.06 -22.18 1.48
C ALA B 159 -16.44 -21.97 2.13
N SER B 160 -17.51 -22.31 1.42
CA SER B 160 -18.89 -22.09 1.88
C SER B 160 -19.17 -20.61 2.22
N LEU B 161 -18.62 -19.71 1.42
CA LEU B 161 -18.87 -18.29 1.62
C LEU B 161 -20.04 -17.82 0.80
N ASN B 162 -20.65 -16.72 1.25
CA ASN B 162 -21.80 -16.18 0.55
C ASN B 162 -21.39 -15.37 -0.67
N VAL B 163 -20.33 -14.58 -0.56
CA VAL B 163 -19.89 -13.71 -1.66
C VAL B 163 -18.42 -13.36 -1.56
N ILE B 164 -17.77 -13.31 -2.72
CA ILE B 164 -16.41 -12.78 -2.88
C ILE B 164 -16.43 -11.72 -3.98
N SER B 165 -15.92 -10.51 -3.71
CA SER B 165 -15.89 -9.47 -4.76
C SER B 165 -14.96 -9.89 -5.88
N THR B 166 -15.32 -9.49 -7.08
CA THR B 166 -14.53 -9.75 -8.29
C THR B 166 -13.62 -8.58 -8.68
N THR B 167 -13.62 -7.49 -7.91
CA THR B 167 -12.68 -6.40 -8.14
C THR B 167 -11.59 -6.50 -7.08
N VAL B 168 -10.35 -6.35 -7.54
CA VAL B 168 -9.19 -6.57 -6.68
C VAL B 168 -8.23 -5.42 -6.77
N PRO B 169 -8.10 -4.64 -5.67
CA PRO B 169 -7.03 -3.67 -5.60
C PRO B 169 -5.62 -4.26 -5.60
N VAL B 170 -4.71 -3.63 -6.33
CA VAL B 170 -3.31 -4.07 -6.46
C VAL B 170 -2.38 -2.91 -6.15
N ASP B 171 -1.37 -3.14 -5.29
CA ASP B 171 -0.38 -2.11 -4.95
C ASP B 171 0.99 -2.73 -5.07
N PHE B 172 1.99 -1.93 -5.38
CA PHE B 172 3.33 -2.41 -5.44
C PHE B 172 4.36 -1.35 -5.19
N VAL B 173 5.49 -1.77 -4.68
CA VAL B 173 6.70 -0.94 -4.55
C VAL B 173 7.85 -1.79 -5.09
N LEU B 174 8.39 -1.35 -6.23
CA LEU B 174 9.39 -2.05 -6.99
C LEU B 174 10.68 -1.29 -6.93
N PHE B 175 11.77 -1.95 -6.59
CA PHE B 175 13.10 -1.39 -6.62
C PHE B 175 13.89 -1.95 -7.78
N TYR B 176 14.41 -1.06 -8.62
CA TYR B 176 15.22 -1.46 -9.76
C TYR B 176 16.63 -0.89 -9.57
N GLU B 177 17.64 -1.71 -9.87
CA GLU B 177 19.08 -1.42 -9.66
CA GLU B 177 19.03 -1.34 -9.64
C GLU B 177 19.84 -1.59 -10.95
N ALA B 178 20.67 -0.60 -11.31
CA ALA B 178 21.51 -0.67 -12.48
C ALA B 178 22.75 -1.47 -12.10
N PRO B 179 23.31 -2.24 -13.03
CA PRO B 179 24.58 -2.96 -12.81
C PRO B 179 25.82 -2.07 -12.96
O7 OTP C . -1.21 -16.80 15.48
P2 OTP C . -2.50 -16.67 16.23
O5 OTP C . -2.60 -17.62 17.41
O6 OTP C . -3.73 -16.64 15.35
O4 OTP C . -2.40 -15.19 16.94
P1 OTP C . -3.25 -13.87 16.59
O2 OTP C . -2.62 -13.30 15.34
O3 OTP C . -4.75 -14.03 16.75
O1 OTP C . -2.85 -12.73 17.66
C40 OTP C . -1.52 -12.18 17.57
C39 OTP C . -1.58 -10.68 17.31
C37 OTP C . -0.85 -10.07 16.38
C38 OTP C . 0.13 -10.73 15.40
C36 OTP C . -0.94 -8.56 16.23
C35 OTP C . 0.25 -7.80 16.74
C34 OTP C . 0.11 -6.29 16.45
C32 OTP C . 1.12 -5.45 16.14
C33 OTP C . 2.52 -5.93 15.94
C31 OTP C . 0.75 -4.00 15.82
C30 OTP C . 1.42 -2.91 16.62
C29 OTP C . 1.04 -1.52 16.12
C27 OTP C . 1.87 -0.48 16.09
C28 OTP C . 3.29 -0.47 16.65
C26 OTP C . 1.46 0.82 15.43
C25 OTP C . 0.11 0.85 14.74
C24 OTP C . -0.07 2.00 13.75
C22 OTP C . -0.73 3.14 13.97
C23 OTP C . -1.55 3.45 15.20
C21 OTP C . -0.73 4.17 12.89
C20 OTP C . 0.10 5.44 13.24
C19 OTP C . 0.05 6.53 12.17
C17 OTP C . 1.04 6.83 11.32
C18 OTP C . 2.43 6.28 11.34
C16 OTP C . 0.74 7.81 10.19
C15 OTP C . 1.62 9.03 10.24
C14 OTP C . 1.08 10.13 9.37
C12 OTP C . 1.86 11.00 8.66
C13 OTP C . 3.38 10.91 8.65
C11 OTP C . 1.27 12.11 7.85
C10 OTP C . -0.20 12.13 7.67
C9 OTP C . -0.74 13.10 6.63
C7 OTP C . -1.36 14.27 6.87
C8 OTP C . -1.77 14.80 8.22
C6 OTP C . -1.73 15.13 5.67
C5 OTP C . -0.74 16.24 5.37
C4 OTP C . -1.19 17.13 4.25
C2 OTP C . -0.36 17.66 3.35
C3 OTP C . 1.13 17.52 3.28
C1 OTP C . -0.94 18.56 2.30
N1 IMD D . 0.21 2.95 -0.20
C2 IMD D . -0.12 3.80 -1.23
N3 IMD D . 0.72 4.87 -1.16
C4 IMD D . 1.58 4.74 -0.13
C5 IMD D . 1.26 3.52 0.48
O7 OTP E . -12.24 -19.75 5.14
P2 OTP E . -11.28 -20.63 4.36
O5 OTP E . -11.99 -21.72 3.58
O6 OTP E . -10.11 -21.09 5.21
O4 OTP E . -10.54 -19.65 3.26
P1 OTP E . -11.30 -18.33 2.73
O2 OTP E . -12.77 -18.46 3.11
O3 OTP E . -10.69 -17.01 3.06
O1 OTP E . -11.16 -18.57 1.13
C40 OTP E . -11.85 -17.68 0.27
C39 OTP E . -10.88 -17.04 -0.75
C37 OTP E . -10.74 -15.70 -0.87
C38 OTP E . -11.44 -14.64 -0.03
C36 OTP E . -9.81 -15.15 -1.96
C35 OTP E . -10.45 -14.78 -3.29
C34 OTP E . -9.34 -14.27 -4.25
C32 OTP E . -9.45 -13.18 -4.98
C33 OTP E . -10.66 -12.30 -5.01
C31 OTP E . -8.23 -12.78 -5.78
C30 OTP E . -8.31 -12.72 -7.29
C29 OTP E . -7.09 -12.12 -8.02
C27 OTP E . -7.21 -11.27 -9.04
C28 OTP E . -8.45 -10.90 -9.82
C26 OTP E . -5.94 -10.55 -9.47
C25 OTP E . -4.67 -10.82 -8.70
C24 OTP E . -3.51 -9.89 -8.97
C22 OTP E . -2.43 -10.07 -9.73
C23 OTP E . -2.03 -11.37 -10.37
C21 OTP E . -1.51 -8.93 -9.89
C20 OTP E . -1.59 -8.25 -11.27
C19 OTP E . -0.54 -7.16 -11.46
C17 OTP E . -0.78 -5.87 -11.59
C18 OTP E . -2.15 -5.25 -11.68
C16 OTP E . 0.48 -5.01 -11.71
C15 OTP E . 0.49 -4.07 -12.88
C14 OTP E . 1.79 -3.33 -13.06
C12 OTP E . 2.00 -2.14 -13.64
C13 OTP E . 0.87 -1.30 -14.22
C11 OTP E . 3.37 -1.51 -13.72
C10 OTP E . 4.51 -2.30 -13.07
C9 OTP E . 5.85 -1.57 -13.10
C7 OTP E . 6.89 -1.77 -13.92
C8 OTP E . 7.01 -2.93 -14.88
C6 OTP E . 8.09 -0.88 -13.75
C5 OTP E . 8.10 0.30 -14.75
C4 OTP E . 9.39 1.14 -14.71
C2 OTP E . 9.46 2.46 -14.80
C3 OTP E . 8.25 3.38 -15.06
C1 OTP E . 10.81 3.13 -14.63
N1 IMD F . 2.36 6.85 -4.68
C2 IMD F . 3.17 7.87 -4.91
N3 IMD F . 4.16 7.86 -3.99
C4 IMD F . 3.92 6.85 -3.14
C5 IMD F . 2.80 6.17 -3.60
N1 IMD G . 1.78 0.90 -2.28
C2 IMD G . 1.22 1.42 -3.41
N3 IMD G . 1.79 2.61 -3.70
C4 IMD G . 2.72 2.82 -2.74
C5 IMD G . 2.72 1.77 -1.85
#